data_7ZY3
#
_entry.id   7ZY3
#
_cell.length_a   46.200
_cell.length_b   48.300
_cell.length_c   104.700
_cell.angle_alpha   90.000
_cell.angle_beta   90.000
_cell.angle_gamma   90.000
#
_symmetry.space_group_name_H-M   'P 21 21 21'
#
loop_
_entity.id
_entity.type
_entity.pdbx_description
1 polymer Archaerhodopsin-3
2 non-polymer RETINAL
3 non-polymer nonane
4 non-polymer HEXADECANE
5 non-polymer 'PALMITIC ACID'
6 non-polymer 'CALCIUM ION'
7 non-polymer 'SODIUM ION'
8 non-polymer 'MAGNESIUM ION'
9 non-polymer 'CHLORIDE ION'
10 water water
#
_entity_poly.entity_id   1
_entity_poly.type   'polypeptide(L)'
_entity_poly.pdbx_seq_one_letter_code
;(PCA)AGYDLLGDGRPETLWLGIGTLLMLIGTFYFLVRGWGVTDKDAREYYAVTILVPGIASAAYLSMFFGIGLTEVTVG
GEMLDIYYARYADWLFTTPLLLLDLALLAKVDRVTIGTLVGVDALMIVTGLIGALSHTAIARYSWWLFSTICMIVVLYFL
ATSLRSAAKERGPEVASTFNTLTALVLVLWTAYPILWIIGTEGAGVVGLGIETLLFMVLDVTAKVGFGFILLRSRAILGD
TEAPEPSAGADVSAAD
;
_entity_poly.pdbx_strand_id   A
#
# COMPACT_ATOMS: atom_id res chain seq x y z
N ALA A 2 7.03 14.91 16.07
CA ALA A 2 8.46 14.63 15.88
C ALA A 2 8.81 14.76 14.40
N GLY A 3 9.79 15.56 14.10
CA GLY A 3 10.21 15.78 12.74
C GLY A 3 10.86 17.15 12.63
N TYR A 4 10.73 17.75 11.45
CA TYR A 4 11.30 19.07 11.21
C TYR A 4 10.44 19.81 10.19
N ASP A 5 10.03 21.04 10.56
CA ASP A 5 9.13 21.88 9.77
C ASP A 5 9.87 22.48 8.57
N LEU A 6 10.04 21.64 7.53
CA LEU A 6 10.89 21.98 6.41
C LEU A 6 10.39 23.18 5.61
N LEU A 7 9.09 23.30 5.40
CA LEU A 7 8.57 24.37 4.56
C LEU A 7 8.18 25.60 5.37
N GLY A 8 8.36 25.59 6.67
CA GLY A 8 8.05 26.74 7.47
C GLY A 8 6.56 27.00 7.53
N ASP A 9 5.73 25.97 7.59
CA ASP A 9 4.30 26.19 7.63
C ASP A 9 3.68 25.43 8.79
N GLY A 10 4.46 25.11 9.80
CA GLY A 10 3.91 24.54 10.98
C GLY A 10 3.70 23.05 10.95
N ARG A 11 4.38 22.32 10.06
CA ARG A 11 4.14 20.88 9.87
C ARG A 11 5.45 20.11 9.93
N PRO A 12 5.87 19.70 11.10
CA PRO A 12 7.15 18.95 11.22
C PRO A 12 7.15 17.63 10.45
N GLU A 13 5.97 17.13 10.12
CA GLU A 13 5.90 15.87 9.40
C GLU A 13 6.32 15.98 7.94
N THR A 14 6.51 17.18 7.40
CA THR A 14 6.99 17.32 6.04
C THR A 14 8.40 16.79 5.84
N LEU A 15 9.23 16.74 6.87
CA LEU A 15 10.53 16.07 6.74
C LEU A 15 10.34 14.63 6.22
N TRP A 16 9.41 13.88 6.83
CA TRP A 16 9.19 12.50 6.44
C TRP A 16 8.47 12.39 5.12
N LEU A 17 7.53 13.31 4.86
CA LEU A 17 6.87 13.31 3.54
C LEU A 17 7.83 13.61 2.43
N GLY A 18 8.79 14.50 2.68
CA GLY A 18 9.75 14.85 1.66
C GLY A 18 10.70 13.69 1.38
N ILE A 19 11.20 13.05 2.43
CA ILE A 19 12.04 11.86 2.22
C ILE A 19 11.25 10.78 1.46
N GLY A 20 10.00 10.55 1.86
CA GLY A 20 9.14 9.60 1.15
C GLY A 20 8.99 9.94 -0.33
N THR A 21 8.74 11.22 -0.63
CA THR A 21 8.61 11.64 -2.02
C THR A 21 9.86 11.26 -2.81
N LEU A 22 11.03 11.55 -2.27
N LEU A 22 11.04 11.56 -2.27
CA LEU A 22 12.28 11.30 -2.96
CA LEU A 22 12.28 11.30 -2.99
C LEU A 22 12.54 9.81 -3.18
C LEU A 22 12.52 9.79 -3.19
N LEU A 23 12.28 8.98 -2.16
CA LEU A 23 12.48 7.55 -2.32
C LEU A 23 11.49 6.97 -3.35
N MET A 24 10.23 7.39 -3.34
CA MET A 24 9.26 6.91 -4.32
C MET A 24 9.67 7.33 -5.72
N LEU A 25 10.16 8.57 -5.88
CA LEU A 25 10.56 9.04 -7.19
C LEU A 25 11.78 8.26 -7.71
N ILE A 26 12.75 8.03 -6.86
CA ILE A 26 13.91 7.23 -7.28
C ILE A 26 13.51 5.81 -7.65
N GLY A 27 12.65 5.18 -6.84
CA GLY A 27 12.17 3.84 -7.16
C GLY A 27 11.47 3.77 -8.50
N THR A 28 10.61 4.74 -8.75
CA THR A 28 9.90 4.85 -10.03
C THR A 28 10.88 4.91 -11.19
N PHE A 29 11.82 5.85 -11.13
CA PHE A 29 12.73 6.05 -12.25
C PHE A 29 13.63 4.82 -12.42
N TYR A 30 14.07 4.20 -11.33
CA TYR A 30 14.86 2.98 -11.44
C TYR A 30 14.11 1.87 -12.16
N PHE A 31 12.82 1.70 -11.84
CA PHE A 31 12.05 0.65 -12.48
C PHE A 31 11.83 0.98 -13.96
N LEU A 32 11.54 2.26 -14.23
CA LEU A 32 11.31 2.75 -15.58
C LEU A 32 12.50 2.50 -16.47
N VAL A 33 13.69 2.82 -15.96
CA VAL A 33 14.90 2.66 -16.74
C VAL A 33 15.19 1.19 -16.98
N ARG A 34 15.02 0.36 -15.97
CA ARG A 34 15.29 -1.06 -16.17
C ARG A 34 14.21 -1.69 -17.06
N GLY A 35 13.00 -1.14 -17.05
CA GLY A 35 11.97 -1.67 -17.92
C GLY A 35 12.17 -1.37 -19.40
N TRP A 36 12.92 -0.31 -19.75
CA TRP A 36 13.03 0.10 -21.14
C TRP A 36 13.70 -0.97 -22.00
N GLY A 37 14.57 -1.77 -21.42
CA GLY A 37 15.22 -2.86 -22.12
C GLY A 37 14.46 -4.17 -22.18
N VAL A 38 13.32 -4.23 -21.53
CA VAL A 38 12.55 -5.47 -21.43
C VAL A 38 11.68 -5.62 -22.67
N THR A 39 11.73 -6.80 -23.29
CA THR A 39 10.93 -7.03 -24.47
C THR A 39 9.91 -8.14 -24.33
N ASP A 40 10.09 -9.04 -23.38
CA ASP A 40 9.13 -10.12 -23.19
C ASP A 40 7.76 -9.54 -22.86
N LYS A 41 6.73 -10.01 -23.56
CA LYS A 41 5.41 -9.41 -23.40
C LYS A 41 4.86 -9.58 -21.95
N ASP A 42 5.19 -10.69 -21.30
CA ASP A 42 4.77 -10.87 -19.91
C ASP A 42 5.52 -9.94 -18.99
N ALA A 43 6.83 -9.86 -19.15
CA ALA A 43 7.61 -9.01 -18.27
C ALA A 43 7.19 -7.56 -18.45
N ARG A 44 6.83 -7.18 -19.65
CA ARG A 44 6.37 -5.80 -19.86
C ARG A 44 5.08 -5.48 -19.09
N GLU A 45 4.17 -6.44 -18.98
CA GLU A 45 2.98 -6.23 -18.20
C GLU A 45 3.32 -6.03 -16.72
N TYR A 46 4.14 -6.92 -16.12
CA TYR A 46 4.55 -6.75 -14.74
C TYR A 46 5.23 -5.38 -14.52
N TYR A 47 6.11 -4.98 -15.45
CA TYR A 47 6.77 -3.67 -15.35
C TYR A 47 5.74 -2.54 -15.37
N ALA A 48 4.80 -2.59 -16.32
CA ALA A 48 3.76 -1.57 -16.43
C ALA A 48 2.98 -1.42 -15.13
N VAL A 49 2.48 -2.53 -14.60
CA VAL A 49 1.73 -2.51 -13.34
C VAL A 49 2.62 -1.96 -12.25
N THR A 50 3.85 -2.43 -12.19
CA THR A 50 4.66 -2.20 -11.01
C THR A 50 5.27 -0.82 -11.00
N ILE A 51 5.60 -0.25 -12.16
CA ILE A 51 6.08 1.12 -12.16
C ILE A 51 5.01 2.08 -11.62
N LEU A 52 3.75 1.82 -11.91
CA LEU A 52 2.69 2.72 -11.49
C LEU A 52 2.52 2.76 -9.96
N VAL A 53 3.03 1.78 -9.23
CA VAL A 53 2.81 1.70 -7.80
C VAL A 53 3.60 2.79 -7.09
N PRO A 54 4.92 2.86 -7.20
CA PRO A 54 5.61 4.05 -6.64
C PRO A 54 5.36 5.27 -7.43
N GLY A 55 5.02 5.18 -8.71
CA GLY A 55 4.74 6.40 -9.46
C GLY A 55 3.54 7.18 -8.93
N ILE A 56 2.41 6.48 -8.73
CA ILE A 56 1.24 7.09 -8.11
C ILE A 56 1.56 7.55 -6.69
N ALA A 57 2.29 6.73 -5.93
CA ALA A 57 2.65 7.11 -4.57
C ALA A 57 3.52 8.36 -4.55
N SER A 58 4.34 8.55 -5.59
CA SER A 58 5.16 9.76 -5.67
CA SER A 58 5.15 9.75 -5.73
C SER A 58 4.30 11.01 -5.81
N ALA A 59 3.27 10.96 -6.63
CA ALA A 59 2.33 12.06 -6.75
C ALA A 59 1.59 12.31 -5.43
N ALA A 60 1.20 11.23 -4.75
CA ALA A 60 0.49 11.41 -3.50
C ALA A 60 1.41 12.03 -2.43
N TYR A 61 2.67 11.57 -2.36
CA TYR A 61 3.59 12.08 -1.38
C TYR A 61 3.93 13.55 -1.68
N LEU A 62 4.10 13.90 -2.95
CA LEU A 62 4.40 15.28 -3.33
C LEU A 62 3.23 16.18 -2.93
N SER A 63 2.02 15.68 -3.10
CA SER A 63 0.84 16.46 -2.75
CA SER A 63 0.83 16.45 -2.75
C SER A 63 0.75 16.66 -1.24
N MET A 64 1.01 15.63 -0.48
CA MET A 64 1.03 15.75 0.98
C MET A 64 2.15 16.69 1.43
N PHE A 65 3.33 16.56 0.81
CA PHE A 65 4.46 17.40 1.18
C PHE A 65 4.08 18.89 1.07
N PHE A 66 3.43 19.26 0.00
CA PHE A 66 3.00 20.63 -0.22
C PHE A 66 1.70 21.00 0.46
N GLY A 67 1.07 20.06 1.15
CA GLY A 67 -0.12 20.40 1.90
C GLY A 67 -1.42 20.37 1.10
N ILE A 68 -1.40 19.84 -0.08
CA ILE A 68 -2.60 19.76 -0.90
C ILE A 68 -3.44 18.59 -0.40
N GLY A 69 -4.73 18.83 -0.16
CA GLY A 69 -5.57 17.73 0.30
C GLY A 69 -5.48 17.49 1.79
N LEU A 70 -5.00 18.43 2.55
CA LEU A 70 -4.92 18.32 3.99
C LEU A 70 -6.11 19.05 4.59
N THR A 71 -6.76 18.42 5.53
CA THR A 71 -7.81 19.09 6.27
C THR A 71 -7.85 18.51 7.69
N GLU A 72 -8.78 19.00 8.48
CA GLU A 72 -8.88 18.59 9.87
C GLU A 72 -10.27 18.03 10.14
N VAL A 73 -10.35 17.13 11.12
CA VAL A 73 -11.57 16.46 11.50
C VAL A 73 -11.75 16.68 13.00
N THR A 74 -12.91 17.13 13.41
CA THR A 74 -13.13 17.40 14.82
C THR A 74 -13.74 16.16 15.50
N VAL A 75 -13.10 15.72 16.57
CA VAL A 75 -13.55 14.59 17.35
C VAL A 75 -13.64 15.13 18.77
N GLY A 76 -14.85 15.42 19.23
CA GLY A 76 -14.95 16.12 20.51
C GLY A 76 -14.23 17.44 20.39
N GLY A 77 -13.36 17.73 21.37
CA GLY A 77 -12.62 18.97 21.41
C GLY A 77 -11.26 18.94 20.77
N GLU A 78 -10.92 17.88 20.06
CA GLU A 78 -9.64 17.80 19.38
C GLU A 78 -9.85 17.84 17.86
N MET A 79 -8.80 18.25 17.16
CA MET A 79 -8.84 18.37 15.70
C MET A 79 -7.70 17.52 15.13
N LEU A 80 -8.05 16.51 14.35
CA LEU A 80 -7.09 15.56 13.80
C LEU A 80 -6.80 15.94 12.36
N ASP A 81 -5.53 15.83 11.98
N ASP A 81 -5.53 15.82 11.98
CA ASP A 81 -5.13 16.06 10.60
CA ASP A 81 -5.13 16.06 10.60
C ASP A 81 -5.42 14.85 9.73
C ASP A 81 -5.44 14.85 9.72
N ILE A 82 -6.04 15.09 8.56
CA ILE A 82 -6.29 14.02 7.61
C ILE A 82 -5.68 14.44 6.27
N TYR A 83 -4.79 13.61 5.75
CA TYR A 83 -4.25 13.78 4.41
C TYR A 83 -5.06 12.88 3.48
N TYR A 84 -5.94 13.48 2.65
CA TYR A 84 -6.74 12.68 1.73
C TYR A 84 -5.89 11.92 0.69
N ALA A 85 -4.78 12.49 0.26
CA ALA A 85 -3.98 11.88 -0.80
C ALA A 85 -3.47 10.50 -0.37
N ARG A 86 -3.26 10.29 0.94
CA ARG A 86 -2.81 8.98 1.43
C ARG A 86 -3.79 7.87 1.07
N TYR A 87 -5.09 8.11 1.29
CA TYR A 87 -6.11 7.12 0.98
C TYR A 87 -6.34 6.99 -0.51
N ALA A 88 -6.21 8.07 -1.29
CA ALA A 88 -6.38 7.93 -2.73
C ALA A 88 -5.23 7.11 -3.30
N ASP A 89 -4.03 7.34 -2.79
CA ASP A 89 -2.86 6.53 -3.16
C ASP A 89 -3.12 5.05 -2.95
N TRP A 90 -3.51 4.68 -1.74
CA TRP A 90 -3.74 3.28 -1.43
C TRP A 90 -4.89 2.67 -2.22
N LEU A 91 -5.91 3.47 -2.54
CA LEU A 91 -7.02 3.00 -3.35
C LEU A 91 -6.54 2.50 -4.71
N PHE A 92 -5.61 3.21 -5.32
CA PHE A 92 -5.04 2.80 -6.60
C PHE A 92 -3.92 1.77 -6.49
N THR A 93 -3.03 1.90 -5.47
CA THR A 93 -1.82 1.10 -5.50
C THR A 93 -2.07 -0.29 -4.94
N THR A 94 -3.00 -0.45 -4.02
CA THR A 94 -3.20 -1.78 -3.46
C THR A 94 -3.85 -2.72 -4.47
N PRO A 95 -4.75 -2.26 -5.35
CA PRO A 95 -5.25 -3.16 -6.39
C PRO A 95 -4.16 -3.54 -7.36
N LEU A 96 -3.24 -2.63 -7.62
CA LEU A 96 -2.16 -2.91 -8.57
C LEU A 96 -1.19 -3.95 -7.99
N LEU A 97 -0.85 -3.83 -6.72
CA LEU A 97 -0.04 -4.87 -6.09
C LEU A 97 -0.73 -6.23 -6.09
N LEU A 98 -2.04 -6.25 -5.77
CA LEU A 98 -2.80 -7.47 -5.83
C LEU A 98 -2.85 -8.03 -7.24
N LEU A 99 -2.90 -7.14 -8.24
CA LEU A 99 -2.88 -7.59 -9.63
C LEU A 99 -1.55 -8.24 -9.99
N ASP A 100 -0.40 -7.70 -9.49
CA ASP A 100 0.88 -8.39 -9.66
C ASP A 100 0.81 -9.82 -9.13
N LEU A 101 0.29 -10.00 -7.90
CA LEU A 101 0.22 -11.34 -7.33
C LEU A 101 -0.71 -12.25 -8.10
N ALA A 102 -1.84 -11.72 -8.58
CA ALA A 102 -2.81 -12.53 -9.27
C ALA A 102 -2.29 -12.92 -10.66
N LEU A 103 -1.47 -12.08 -11.27
CA LEU A 103 -0.83 -12.46 -12.55
C LEU A 103 0.14 -13.61 -12.35
N LEU A 104 0.93 -13.54 -11.29
CA LEU A 104 1.84 -14.66 -10.99
C LEU A 104 1.07 -15.95 -10.74
N ALA A 105 -0.04 -15.88 -9.96
CA ALA A 105 -0.77 -17.09 -9.59
C ALA A 105 -1.60 -17.60 -10.76
N LYS A 106 -1.91 -16.70 -11.72
CA LYS A 106 -2.74 -17.03 -12.89
C LYS A 106 -4.10 -17.52 -12.46
N VAL A 107 -4.79 -16.69 -11.65
CA VAL A 107 -6.14 -17.01 -11.20
C VAL A 107 -7.16 -16.26 -12.09
N ASP A 108 -8.40 -16.72 -12.05
CA ASP A 108 -9.48 -16.28 -12.93
C ASP A 108 -9.97 -14.88 -12.56
N ARG A 109 -10.76 -14.28 -13.45
CA ARG A 109 -11.15 -12.89 -13.27
C ARG A 109 -12.19 -12.70 -12.16
N VAL A 110 -12.93 -13.74 -11.82
CA VAL A 110 -13.90 -13.61 -10.74
C VAL A 110 -13.17 -13.59 -9.40
N THR A 111 -12.15 -14.45 -9.26
CA THR A 111 -11.27 -14.37 -8.09
C THR A 111 -10.58 -13.01 -7.99
N ILE A 112 -10.02 -12.49 -9.08
CA ILE A 112 -9.41 -11.16 -9.04
C ILE A 112 -10.44 -10.08 -8.66
N GLY A 113 -11.65 -10.16 -9.22
CA GLY A 113 -12.71 -9.23 -8.87
C GLY A 113 -13.07 -9.22 -7.39
N THR A 114 -13.20 -10.39 -6.78
CA THR A 114 -13.42 -10.50 -5.36
C THR A 114 -12.28 -9.88 -4.56
N LEU A 115 -11.05 -10.21 -4.92
CA LEU A 115 -9.92 -9.71 -4.17
C LEU A 115 -9.82 -8.18 -4.20
N VAL A 116 -9.96 -7.58 -5.38
CA VAL A 116 -9.79 -6.14 -5.50
CA VAL A 116 -9.80 -6.13 -5.49
C VAL A 116 -11.03 -5.42 -4.94
N GLY A 117 -12.22 -6.06 -5.03
CA GLY A 117 -13.42 -5.45 -4.45
C GLY A 117 -13.36 -5.38 -2.92
N VAL A 118 -12.90 -6.45 -2.27
CA VAL A 118 -12.74 -6.41 -0.84
C VAL A 118 -11.64 -5.43 -0.43
N ASP A 119 -10.56 -5.37 -1.20
CA ASP A 119 -9.47 -4.44 -0.95
C ASP A 119 -9.97 -2.99 -1.06
N ALA A 120 -10.74 -2.68 -2.11
CA ALA A 120 -11.29 -1.34 -2.21
C ALA A 120 -12.16 -0.98 -0.96
N LEU A 121 -12.98 -1.92 -0.50
CA LEU A 121 -13.84 -1.75 0.63
C LEU A 121 -13.02 -1.47 1.89
N MET A 122 -11.87 -2.15 2.03
CA MET A 122 -10.94 -1.91 3.12
C MET A 122 -10.50 -0.48 3.16
N ILE A 123 -10.10 0.06 2.01
CA ILE A 123 -9.59 1.42 1.95
C ILE A 123 -10.71 2.41 2.20
N VAL A 124 -11.88 2.19 1.60
CA VAL A 124 -13.00 3.11 1.79
C VAL A 124 -13.44 3.19 3.24
N THR A 125 -13.60 2.04 3.90
CA THR A 125 -14.06 2.06 5.29
C THR A 125 -12.98 2.60 6.21
N GLY A 126 -11.71 2.39 5.90
CA GLY A 126 -10.69 3.11 6.62
C GLY A 126 -10.82 4.63 6.49
N LEU A 127 -11.14 5.11 5.29
CA LEU A 127 -11.33 6.53 5.13
C LEU A 127 -12.53 7.01 5.95
N ILE A 128 -13.61 6.23 5.96
CA ILE A 128 -14.78 6.59 6.73
C ILE A 128 -14.43 6.66 8.22
N GLY A 129 -13.70 5.67 8.70
CA GLY A 129 -13.20 5.72 10.05
C GLY A 129 -12.39 6.97 10.34
N ALA A 130 -11.47 7.33 9.41
CA ALA A 130 -10.62 8.50 9.62
C ALA A 130 -11.45 9.79 9.69
N LEU A 131 -12.57 9.85 9.00
CA LEU A 131 -13.39 11.06 9.01
C LEU A 131 -14.47 11.09 10.08
N SER A 132 -14.62 10.06 10.90
CA SER A 132 -15.76 9.97 11.77
C SER A 132 -15.48 10.76 13.06
N HIS A 133 -16.56 11.19 13.70
CA HIS A 133 -16.44 12.19 14.77
C HIS A 133 -16.57 11.66 16.18
N THR A 134 -16.87 10.40 16.36
CA THR A 134 -16.88 9.78 17.68
C THR A 134 -15.87 8.65 17.70
N ALA A 135 -15.25 8.44 18.86
CA ALA A 135 -14.30 7.35 19.02
C ALA A 135 -14.93 6.02 18.67
N ILE A 136 -16.18 5.80 19.09
CA ILE A 136 -16.81 4.50 18.86
C ILE A 136 -16.96 4.22 17.37
N ALA A 137 -17.33 5.24 16.60
CA ALA A 137 -17.43 5.10 15.15
C ALA A 137 -16.05 4.87 14.53
N ARG A 138 -15.01 5.58 14.99
CA ARG A 138 -13.70 5.42 14.39
C ARG A 138 -13.16 4.01 14.62
N TYR A 139 -13.34 3.46 15.83
CA TYR A 139 -12.87 2.10 16.11
C TYR A 139 -13.70 1.03 15.39
N SER A 140 -14.99 1.29 15.21
CA SER A 140 -15.87 0.34 14.56
C SER A 140 -15.53 0.19 13.09
N TRP A 141 -15.33 1.32 12.40
N TRP A 141 -15.30 1.31 12.40
CA TRP A 141 -14.89 1.28 10.98
CA TRP A 141 -14.91 1.22 10.97
C TRP A 141 -13.53 0.61 10.85
C TRP A 141 -13.49 0.67 10.79
N TRP A 142 -12.58 0.97 11.73
CA TRP A 142 -11.28 0.33 11.73
C TRP A 142 -11.41 -1.18 11.83
N LEU A 143 -12.27 -1.66 12.74
CA LEU A 143 -12.41 -3.09 12.88
C LEU A 143 -12.97 -3.73 11.61
N PHE A 144 -13.99 -3.12 11.01
CA PHE A 144 -14.56 -3.64 9.75
C PHE A 144 -13.52 -3.67 8.62
N SER A 145 -12.78 -2.58 8.46
CA SER A 145 -11.70 -2.48 7.47
C SER A 145 -10.63 -3.55 7.70
N THR A 146 -10.29 -3.79 8.97
CA THR A 146 -9.33 -4.80 9.29
C THR A 146 -9.84 -6.21 8.94
N ILE A 147 -11.09 -6.48 9.21
CA ILE A 147 -11.68 -7.74 8.76
CA ILE A 147 -11.69 -7.73 8.76
C ILE A 147 -11.55 -7.85 7.25
N CYS A 148 -11.86 -6.77 6.52
CA CYS A 148 -11.67 -6.88 5.07
C CYS A 148 -10.21 -7.24 4.73
N MET A 149 -9.25 -6.65 5.42
CA MET A 149 -7.85 -6.94 5.11
C MET A 149 -7.53 -8.42 5.36
N ILE A 150 -8.02 -8.95 6.48
N ILE A 150 -8.03 -8.97 6.47
CA ILE A 150 -7.80 -10.37 6.78
CA ILE A 150 -7.76 -10.37 6.75
C ILE A 150 -8.35 -11.24 5.66
C ILE A 150 -8.36 -11.27 5.66
N VAL A 151 -9.54 -10.91 5.14
CA VAL A 151 -10.11 -11.66 4.03
C VAL A 151 -9.16 -11.66 2.83
N VAL A 152 -8.67 -10.46 2.45
CA VAL A 152 -7.74 -10.35 1.33
C VAL A 152 -6.50 -11.22 1.55
N LEU A 153 -5.88 -11.11 2.72
CA LEU A 153 -4.66 -11.85 3.02
C LEU A 153 -4.92 -13.38 3.05
N TYR A 154 -6.08 -13.78 3.55
CA TYR A 154 -6.47 -15.18 3.56
C TYR A 154 -6.53 -15.76 2.15
N PHE A 155 -7.19 -15.06 1.24
CA PHE A 155 -7.24 -15.47 -0.16
C PHE A 155 -5.85 -15.60 -0.75
N LEU A 156 -4.94 -14.64 -0.44
CA LEU A 156 -3.58 -14.78 -1.00
C LEU A 156 -2.89 -16.05 -0.51
N ALA A 157 -3.00 -16.30 0.78
CA ALA A 157 -2.27 -17.35 1.44
C ALA A 157 -2.87 -18.72 1.16
N THR A 158 -4.11 -18.77 0.66
CA THR A 158 -4.74 -20.06 0.39
C THR A 158 -4.98 -20.25 -1.10
N SER A 159 -6.00 -19.60 -1.65
CA SER A 159 -6.40 -19.84 -3.04
CA SER A 159 -6.39 -19.84 -3.03
C SER A 159 -5.29 -19.44 -4.03
N LEU A 160 -4.68 -18.24 -3.86
CA LEU A 160 -3.69 -17.84 -4.83
C LEU A 160 -2.41 -18.65 -4.66
N ARG A 161 -2.03 -18.94 -3.41
CA ARG A 161 -0.85 -19.75 -3.16
C ARG A 161 -0.96 -21.12 -3.81
N SER A 162 -2.13 -21.76 -3.70
CA SER A 162 -2.33 -23.08 -4.30
CA SER A 162 -2.35 -23.07 -4.30
C SER A 162 -2.24 -23.03 -5.83
N ALA A 163 -2.83 -22.00 -6.45
CA ALA A 163 -2.71 -21.79 -7.88
C ALA A 163 -1.27 -21.57 -8.33
N ALA A 164 -0.51 -20.79 -7.57
CA ALA A 164 0.86 -20.47 -7.95
C ALA A 164 1.75 -21.71 -7.93
N LYS A 165 1.48 -22.64 -7.02
CA LYS A 165 2.31 -23.86 -6.89
C LYS A 165 2.25 -24.67 -8.15
N GLU A 166 1.12 -24.65 -8.84
CA GLU A 166 0.97 -25.44 -10.06
C GLU A 166 1.81 -24.89 -11.20
N ARG A 167 2.28 -23.66 -11.10
CA ARG A 167 3.07 -23.01 -12.14
C ARG A 167 4.54 -23.35 -12.04
N GLY A 168 4.96 -24.09 -11.06
CA GLY A 168 6.34 -24.50 -10.99
C GLY A 168 7.17 -23.69 -10.03
N PRO A 169 8.39 -24.16 -9.76
CA PRO A 169 9.14 -23.62 -8.62
C PRO A 169 9.58 -22.17 -8.77
N GLU A 170 9.93 -21.68 -9.96
CA GLU A 170 10.34 -20.29 -10.05
C GLU A 170 9.18 -19.36 -9.73
N VAL A 171 7.99 -19.67 -10.27
CA VAL A 171 6.79 -18.86 -9.99
C VAL A 171 6.40 -19.03 -8.54
N ALA A 172 6.34 -20.28 -8.07
CA ALA A 172 5.89 -20.55 -6.71
C ALA A 172 6.83 -19.92 -5.68
N SER A 173 8.16 -19.96 -5.93
CA SER A 173 9.10 -19.38 -4.97
CA SER A 173 9.10 -19.39 -4.97
C SER A 173 8.97 -17.86 -4.91
N THR A 174 8.79 -17.22 -6.07
CA THR A 174 8.60 -15.76 -6.08
C THR A 174 7.28 -15.35 -5.41
N PHE A 175 6.19 -16.03 -5.77
CA PHE A 175 4.91 -15.80 -5.12
C PHE A 175 5.05 -15.94 -3.61
N ASN A 176 5.69 -17.02 -3.13
CA ASN A 176 5.72 -17.27 -1.70
C ASN A 176 6.55 -16.21 -0.95
N THR A 177 7.67 -15.80 -1.56
CA THR A 177 8.49 -14.76 -0.97
C THR A 177 7.76 -13.43 -0.88
N LEU A 178 7.04 -13.07 -1.96
CA LEU A 178 6.30 -11.82 -1.93
C LEU A 178 5.14 -11.89 -0.94
N THR A 179 4.43 -13.03 -0.88
CA THR A 179 3.33 -13.17 0.06
C THR A 179 3.81 -13.17 1.51
N ALA A 180 4.97 -13.78 1.80
CA ALA A 180 5.52 -13.68 3.15
C ALA A 180 5.70 -12.21 3.59
N LEU A 181 6.17 -11.38 2.67
CA LEU A 181 6.39 -9.98 2.94
C LEU A 181 5.05 -9.28 3.16
N VAL A 182 4.08 -9.55 2.27
CA VAL A 182 2.76 -8.88 2.34
C VAL A 182 2.03 -9.21 3.63
N LEU A 183 2.08 -10.48 4.07
CA LEU A 183 1.28 -10.84 5.22
C LEU A 183 1.73 -10.07 6.46
N VAL A 184 3.05 -9.89 6.59
CA VAL A 184 3.60 -9.10 7.69
C VAL A 184 3.43 -7.60 7.45
N LEU A 185 3.83 -7.09 6.29
CA LEU A 185 3.86 -5.65 6.11
C LEU A 185 2.45 -5.02 6.05
N TRP A 186 1.52 -5.66 5.35
CA TRP A 186 0.20 -5.04 5.26
C TRP A 186 -0.44 -5.01 6.63
N THR A 187 -0.20 -6.06 7.45
CA THR A 187 -0.82 -6.10 8.78
C THR A 187 -0.31 -4.97 9.68
N ALA A 188 0.90 -4.48 9.44
CA ALA A 188 1.43 -3.35 10.20
C ALA A 188 0.58 -2.07 10.02
N TYR A 189 -0.11 -1.91 8.90
CA TYR A 189 -0.87 -0.70 8.66
C TYR A 189 -2.01 -0.50 9.63
N PRO A 190 -2.92 -1.46 9.87
CA PRO A 190 -3.97 -1.21 10.86
C PRO A 190 -3.45 -1.06 12.25
N ILE A 191 -2.32 -1.70 12.57
CA ILE A 191 -1.73 -1.56 13.90
C ILE A 191 -1.31 -0.10 14.12
N LEU A 192 -0.56 0.45 13.17
CA LEU A 192 -0.11 1.83 13.28
C LEU A 192 -1.31 2.77 13.33
N TRP A 193 -2.32 2.54 12.49
CA TRP A 193 -3.44 3.48 12.50
C TRP A 193 -4.11 3.55 13.87
N ILE A 194 -4.33 2.39 14.51
CA ILE A 194 -5.08 2.39 15.76
CA ILE A 194 -5.08 2.39 15.76
C ILE A 194 -4.23 2.87 16.94
N ILE A 195 -2.90 2.77 16.88
CA ILE A 195 -2.09 3.28 17.99
C ILE A 195 -1.72 4.74 17.75
N GLY A 196 -1.91 5.25 16.52
CA GLY A 196 -1.60 6.61 16.17
C GLY A 196 -2.75 7.59 16.35
N THR A 197 -2.62 8.72 15.69
CA THR A 197 -3.52 9.84 15.95
C THR A 197 -4.98 9.48 15.64
N GLU A 198 -5.21 8.59 14.67
CA GLU A 198 -6.58 8.26 14.33
C GLU A 198 -7.23 7.45 15.43
N GLY A 199 -6.45 6.66 16.15
CA GLY A 199 -7.04 5.75 17.11
C GLY A 199 -6.79 6.19 18.55
N ALA A 200 -6.01 5.40 19.28
CA ALA A 200 -5.74 5.66 20.69
C ALA A 200 -4.85 6.87 20.93
N GLY A 201 -4.05 7.28 19.95
CA GLY A 201 -3.29 8.50 20.07
C GLY A 201 -2.05 8.33 20.90
N VAL A 202 -1.52 7.11 21.03
CA VAL A 202 -0.26 6.89 21.74
C VAL A 202 0.93 7.46 20.97
N VAL A 203 0.99 7.24 19.69
CA VAL A 203 2.02 7.81 18.83
C VAL A 203 1.42 9.04 18.16
N GLY A 204 2.23 10.08 18.03
CA GLY A 204 1.80 11.32 17.45
C GLY A 204 1.93 11.30 15.92
N LEU A 205 1.61 12.46 15.32
CA LEU A 205 1.56 12.54 13.87
C LEU A 205 2.94 12.41 13.25
N GLY A 206 3.97 12.94 13.91
CA GLY A 206 5.30 12.82 13.39
C GLY A 206 5.83 11.39 13.25
N ILE A 207 5.86 10.64 14.34
CA ILE A 207 6.31 9.26 14.33
C ILE A 207 5.41 8.41 13.43
N GLU A 208 4.11 8.69 13.46
CA GLU A 208 3.17 7.99 12.61
CA GLU A 208 3.15 8.00 12.60
C GLU A 208 3.45 8.21 11.13
N THR A 209 3.72 9.44 10.73
CA THR A 209 4.02 9.71 9.34
C THR A 209 5.33 9.05 8.91
N LEU A 210 6.35 9.12 9.75
CA LEU A 210 7.60 8.42 9.52
C LEU A 210 7.36 6.92 9.27
N LEU A 211 6.59 6.26 10.14
CA LEU A 211 6.42 4.83 10.04
C LEU A 211 5.56 4.48 8.84
N PHE A 212 4.50 5.24 8.54
CA PHE A 212 3.75 4.96 7.30
C PHE A 212 4.67 5.07 6.09
N MET A 213 5.60 6.05 6.11
CA MET A 213 6.51 6.24 4.99
C MET A 213 7.42 5.04 4.83
N VAL A 214 7.98 4.53 5.94
CA VAL A 214 8.81 3.33 5.85
C VAL A 214 7.99 2.15 5.33
N LEU A 215 6.81 1.92 5.89
CA LEU A 215 5.93 0.86 5.38
C LEU A 215 5.67 1.06 3.87
N ASP A 216 5.29 2.29 3.45
CA ASP A 216 4.95 2.53 2.05
C ASP A 216 6.11 2.24 1.11
N VAL A 217 7.31 2.76 1.45
CA VAL A 217 8.45 2.51 0.58
CA VAL A 217 8.44 2.51 0.56
C VAL A 217 8.73 1.01 0.48
N THR A 218 8.67 0.30 1.62
CA THR A 218 8.90 -1.15 1.60
C THR A 218 7.81 -1.88 0.79
N ALA A 219 6.55 -1.47 0.98
CA ALA A 219 5.47 -2.20 0.33
C ALA A 219 5.45 -1.95 -1.16
N LYS A 220 6.01 -0.85 -1.62
CA LYS A 220 5.91 -0.48 -2.99
C LYS A 220 7.25 -0.65 -3.70
N VAL A 221 8.29 0.09 -3.29
CA VAL A 221 9.57 -0.06 -3.94
C VAL A 221 10.21 -1.41 -3.59
N GLY A 222 10.21 -1.78 -2.31
CA GLY A 222 10.81 -3.06 -1.92
C GLY A 222 10.17 -4.27 -2.58
N PHE A 223 8.84 -4.34 -2.52
CA PHE A 223 8.05 -5.33 -3.23
C PHE A 223 8.43 -5.37 -4.70
N GLY A 224 8.46 -4.21 -5.36
CA GLY A 224 8.76 -4.20 -6.79
C GLY A 224 10.16 -4.69 -7.11
N PHE A 225 11.14 -4.32 -6.27
CA PHE A 225 12.50 -4.84 -6.45
C PHE A 225 12.59 -6.37 -6.39
N ILE A 226 11.89 -7.00 -5.43
CA ILE A 226 11.90 -8.44 -5.35
C ILE A 226 11.20 -9.06 -6.55
N LEU A 227 10.09 -8.49 -6.97
CA LEU A 227 9.34 -9.05 -8.07
C LEU A 227 10.12 -8.92 -9.36
N LEU A 228 10.64 -7.72 -9.64
CA LEU A 228 11.12 -7.41 -10.97
C LEU A 228 12.50 -8.01 -11.19
N ARG A 229 13.12 -8.53 -10.15
CA ARG A 229 14.39 -9.26 -10.23
C ARG A 229 14.19 -10.72 -10.56
N SER A 230 12.97 -11.25 -10.50
CA SER A 230 12.71 -12.67 -10.59
CA SER A 230 12.70 -12.67 -10.59
C SER A 230 12.48 -13.11 -12.04
N ARG A 231 12.89 -14.33 -12.34
CA ARG A 231 12.63 -14.89 -13.65
C ARG A 231 11.17 -15.24 -13.84
N ALA A 232 10.37 -15.24 -12.77
CA ALA A 232 8.99 -15.63 -12.90
C ALA A 232 8.20 -14.66 -13.78
N ILE A 233 8.65 -13.39 -13.90
CA ILE A 233 7.91 -12.40 -14.67
C ILE A 233 7.99 -12.66 -16.19
N LEU A 234 8.81 -13.59 -16.63
CA LEU A 234 8.85 -13.98 -18.03
C LEU A 234 7.83 -15.05 -18.36
N GLY A 235 7.22 -15.67 -17.36
CA GLY A 235 6.27 -16.73 -17.58
C GLY A 235 4.94 -16.16 -18.05
N ASP A 236 4.20 -16.99 -18.73
CA ASP A 236 2.98 -16.59 -19.38
C ASP A 236 2.00 -15.98 -18.37
N THR A 237 1.35 -14.90 -18.80
CA THR A 237 0.32 -14.21 -18.01
C THR A 237 -1.00 -14.22 -18.79
N GLU A 238 -2.09 -14.05 -18.07
CA GLU A 238 -3.40 -13.95 -18.69
C GLU A 238 -4.07 -12.70 -18.15
#